data_4Y7V
#
_entry.id   4Y7V
#
_cell.length_a   72.350
_cell.length_b   72.350
_cell.length_c   162.480
_cell.angle_alpha   90.000
_cell.angle_beta   90.000
_cell.angle_gamma   120.000
#
_symmetry.space_group_name_H-M   'P 61 2 2'
#
loop_
_entity.id
_entity.type
_entity.pdbx_description
1 polymer 'Nucleotidyl transferase'
2 non-polymer GLYCEROL
3 non-polymer 'SULFATE ION'
4 non-polymer 2-acetamido-3-O-[(1R)-1-carboxyethyl]-2-deoxy-1-O-phosphono-alpha-D-glucopyranose
5 non-polymer 'IMIDODIPHOSPHORIC ACID'
6 water water
#
_entity_poly.entity_id   1
_entity_poly.type   'polypeptide(L)'
_entity_poly.pdbx_seq_one_letter_code
;MKAMILAAGKGERMRPLTLHTPKPLVPVAGQPLIEYHLRALAAAGVTEVVINHAWLGQQIEDHLGDGSRFGLSIRYSPEG
EPLETGGGIFKALPLLGDAPFLLVNGDVWTDYDFARLQAPLQGLAHLVLVDNPGHHGRGDFRLVGEQVVDGDDAPGTLTF
SGISVLHPALFEGCQAGAFKLAPLLRQAMAAGKVSGEHYRGHWVDVGTLERLAEAESLIGERALEHHHHHH
;
_entity_poly.pdbx_strand_id   A
#
loop_
_chem_comp.id
_chem_comp.type
_chem_comp.name
_chem_comp.formula
2PN non-polymer 'IMIDODIPHOSPHORIC ACID' 'H5 N O6 P2'
491 D-saccharide 2-acetamido-3-O-[(1R)-1-carboxyethyl]-2-deoxy-1-O-phosphono-alpha-D-glucopyranose 'C11 H20 N O11 P'
GOL non-polymer GLYCEROL 'C3 H8 O3'
SO4 non-polymer 'SULFATE ION' 'O4 S -2'
#
# COMPACT_ATOMS: atom_id res chain seq x y z
N MET A 1 5.96 7.22 -12.44
CA MET A 1 6.18 7.92 -11.17
C MET A 1 6.90 7.06 -10.14
N LYS A 2 7.03 7.58 -8.93
CA LYS A 2 7.70 6.87 -7.84
C LYS A 2 6.67 6.05 -7.05
N ALA A 3 7.13 5.04 -6.32
CA ALA A 3 6.23 4.27 -5.47
C ALA A 3 6.68 4.27 -4.01
N MET A 4 5.71 4.27 -3.11
CA MET A 4 5.99 4.04 -1.70
C MET A 4 5.31 2.77 -1.24
N ILE A 5 6.07 1.89 -0.58
CA ILE A 5 5.49 0.70 0.01
C ILE A 5 5.45 0.86 1.52
N LEU A 6 4.26 0.75 2.10
CA LEU A 6 4.11 0.80 3.54
C LEU A 6 4.59 -0.52 4.15
N ALA A 7 5.55 -0.46 5.06
CA ALA A 7 6.11 -1.71 5.59
C ALA A 7 6.50 -1.56 7.05
N ALA A 8 5.87 -0.62 7.75
CA ALA A 8 6.27 -0.31 9.12
C ALA A 8 5.46 -1.07 10.16
N GLY A 9 4.44 -1.81 9.72
CA GLY A 9 3.56 -2.53 10.64
C GLY A 9 4.24 -3.59 11.49
N LYS A 10 3.76 -3.75 12.72
CA LYS A 10 4.33 -4.71 13.67
C LYS A 10 3.78 -6.12 13.48
N GLY A 11 2.63 -6.22 12.82
CA GLY A 11 2.02 -7.51 12.54
C GLY A 11 1.76 -8.38 13.76
N GLU A 12 1.21 -7.79 14.81
CA GLU A 12 0.96 -8.53 16.04
C GLU A 12 0.03 -9.71 15.79
N ARG A 13 -0.90 -9.55 14.86
CA ARG A 13 -1.88 -10.60 14.59
C ARG A 13 -1.27 -11.78 13.84
N MET A 14 -0.04 -11.65 13.41
CA MET A 14 0.63 -12.75 12.70
C MET A 14 1.68 -13.45 13.54
N ARG A 15 1.71 -13.17 14.84
CA ARG A 15 2.65 -13.87 15.71
C ARG A 15 2.28 -15.35 15.75
N PRO A 16 3.29 -16.21 15.92
CA PRO A 16 4.66 -15.84 16.26
C PRO A 16 5.56 -15.60 15.05
N LEU A 17 5.00 -15.60 13.84
CA LEU A 17 5.79 -15.38 12.63
C LEU A 17 6.56 -14.07 12.70
N THR A 18 5.90 -13.04 13.20
CA THR A 18 6.48 -11.71 13.21
C THR A 18 7.32 -11.42 14.45
N LEU A 19 7.67 -12.46 15.20
CA LEU A 19 8.55 -12.25 16.34
C LEU A 19 9.97 -11.92 15.90
N HIS A 20 10.47 -12.62 14.87
CA HIS A 20 11.82 -12.38 14.36
C HIS A 20 11.84 -12.06 12.86
N THR A 21 10.66 -11.99 12.27
CA THR A 21 10.51 -11.63 10.85
C THR A 21 9.47 -10.54 10.68
N PRO A 22 9.88 -9.36 10.16
CA PRO A 22 8.86 -8.34 9.91
C PRO A 22 7.90 -8.82 8.82
N LYS A 23 6.66 -8.37 8.88
CA LYS A 23 5.59 -8.91 8.02
C LYS A 23 5.92 -8.89 6.52
N PRO A 24 6.47 -7.79 6.02
CA PRO A 24 6.76 -7.70 4.59
C PRO A 24 7.77 -8.77 4.13
N LEU A 25 8.48 -9.39 5.07
CA LEU A 25 9.43 -10.41 4.66
C LEU A 25 8.85 -11.81 4.80
N VAL A 26 7.61 -11.93 5.28
CA VAL A 26 6.98 -13.25 5.44
C VAL A 26 6.74 -13.88 4.07
N PRO A 27 7.10 -15.16 3.93
CA PRO A 27 7.02 -15.92 2.67
C PRO A 27 5.59 -16.25 2.28
N VAL A 28 5.21 -15.93 1.05
CA VAL A 28 3.96 -16.39 0.52
C VAL A 28 4.28 -17.22 -0.71
N ALA A 29 4.05 -18.52 -0.62
CA ALA A 29 4.38 -19.42 -1.72
C ALA A 29 5.86 -19.25 -2.11
N GLY A 30 6.73 -19.21 -1.12
CA GLY A 30 8.15 -19.21 -1.40
C GLY A 30 8.80 -17.85 -1.59
N GLN A 31 8.01 -16.79 -1.56
CA GLN A 31 8.56 -15.46 -1.83
C GLN A 31 8.06 -14.43 -0.84
N PRO A 32 8.97 -13.60 -0.30
CA PRO A 32 8.54 -12.58 0.66
C PRO A 32 7.43 -11.72 0.08
N LEU A 33 6.42 -11.46 0.89
CA LEU A 33 5.30 -10.64 0.51
C LEU A 33 5.70 -9.41 -0.27
N ILE A 34 6.68 -8.68 0.25
CA ILE A 34 7.00 -7.38 -0.32
C ILE A 34 7.68 -7.55 -1.68
N GLU A 35 8.26 -8.72 -1.94
CA GLU A 35 8.97 -8.91 -3.20
C GLU A 35 8.01 -9.08 -4.37
N TYR A 36 6.76 -9.45 -4.09
CA TYR A 36 5.75 -9.45 -5.15
C TYR A 36 5.57 -8.02 -5.65
N HIS A 37 5.51 -7.08 -4.72
CA HIS A 37 5.29 -5.67 -5.07
C HIS A 37 6.47 -5.12 -5.86
N LEU A 38 7.68 -5.45 -5.39
CA LEU A 38 8.88 -4.93 -6.05
C LEU A 38 8.97 -5.45 -7.48
N ARG A 39 8.71 -6.73 -7.69
CA ARG A 39 8.73 -7.28 -9.04
CA ARG A 39 8.76 -7.25 -9.05
C ARG A 39 7.63 -6.66 -9.89
N ALA A 40 6.43 -6.53 -9.32
CA ALA A 40 5.33 -5.96 -10.09
C ALA A 40 5.58 -4.49 -10.41
N LEU A 41 6.12 -3.75 -9.44
CA LEU A 41 6.40 -2.34 -9.64
C LEU A 41 7.44 -2.19 -10.74
N ALA A 42 8.49 -2.99 -10.67
CA ALA A 42 9.55 -2.94 -11.68
C ALA A 42 8.96 -3.30 -13.04
N ALA A 43 8.09 -4.29 -13.09
CA ALA A 43 7.47 -4.69 -14.37
C ALA A 43 6.58 -3.58 -14.93
N ALA A 44 6.02 -2.77 -14.04
CA ALA A 44 5.13 -1.68 -14.44
C ALA A 44 5.91 -0.43 -14.87
N GLY A 45 7.23 -0.48 -14.70
CA GLY A 45 8.09 0.58 -15.21
C GLY A 45 8.54 1.56 -14.16
N VAL A 46 8.12 1.31 -12.92
CA VAL A 46 8.59 2.07 -11.78
C VAL A 46 10.07 1.74 -11.54
N THR A 47 10.87 2.77 -11.28
CA THR A 47 12.29 2.57 -11.02
C THR A 47 12.76 3.12 -9.67
N GLU A 48 11.92 3.90 -9.00
CA GLU A 48 12.31 4.46 -7.70
C GLU A 48 11.25 4.20 -6.66
N VAL A 49 11.66 3.57 -5.54
CA VAL A 49 10.73 3.12 -4.51
C VAL A 49 11.19 3.58 -3.15
N VAL A 50 10.23 4.03 -2.33
CA VAL A 50 10.51 4.39 -0.96
C VAL A 50 9.81 3.38 -0.05
N ILE A 51 10.53 2.89 0.93
CA ILE A 51 9.95 1.93 1.85
C ILE A 51 10.11 2.45 3.27
N ASN A 52 9.00 2.62 3.99
CA ASN A 52 9.13 2.99 5.38
C ASN A 52 9.14 1.74 6.24
N HIS A 53 9.71 1.87 7.43
CA HIS A 53 9.76 0.71 8.32
C HIS A 53 9.91 1.12 9.75
N ALA A 54 9.56 0.20 10.64
CA ALA A 54 9.73 0.43 12.06
C ALA A 54 10.10 -0.88 12.70
N TRP A 55 9.09 -1.70 12.99
CA TRP A 55 9.29 -3.00 13.64
C TRP A 55 10.24 -3.87 12.82
N LEU A 56 11.38 -4.21 13.42
CA LEU A 56 12.38 -5.05 12.75
C LEU A 56 12.82 -4.43 11.45
N GLY A 57 12.91 -3.10 11.43
CA GLY A 57 13.11 -2.39 10.17
C GLY A 57 14.43 -2.71 9.51
N GLN A 58 15.50 -2.80 10.29
CA GLN A 58 16.81 -2.97 9.66
C GLN A 58 16.90 -4.30 8.91
N GLN A 59 16.11 -5.30 9.31
CA GLN A 59 16.09 -6.57 8.56
C GLN A 59 15.55 -6.38 7.16
N ILE A 60 14.56 -5.50 7.01
CA ILE A 60 14.03 -5.16 5.69
C ILE A 60 15.12 -4.57 4.81
N GLU A 61 15.84 -3.58 5.34
CA GLU A 61 16.94 -2.95 4.60
C GLU A 61 18.03 -3.95 4.25
N ASP A 62 18.36 -4.82 5.19
CA ASP A 62 19.42 -5.80 4.95
C ASP A 62 19.02 -6.77 3.83
N HIS A 63 17.76 -7.17 3.82
CA HIS A 63 17.30 -8.16 2.84
C HIS A 63 17.19 -7.58 1.44
N LEU A 64 16.69 -6.36 1.34
CA LEU A 64 16.40 -5.75 0.04
C LEU A 64 17.53 -4.88 -0.48
N GLY A 65 18.30 -4.27 0.43
CA GLY A 65 19.39 -3.42 0.03
C GLY A 65 18.90 -2.29 -0.87
N ASP A 66 19.69 -1.93 -1.88
CA ASP A 66 19.33 -0.76 -2.69
C ASP A 66 18.34 -1.11 -3.79
N GLY A 67 18.01 -2.39 -3.92
CA GLY A 67 16.98 -2.83 -4.85
C GLY A 67 17.46 -3.17 -6.25
N SER A 68 18.77 -3.11 -6.46
CA SER A 68 19.31 -3.32 -7.80
C SER A 68 19.01 -4.70 -8.36
N ARG A 69 18.78 -5.70 -7.50
CA ARG A 69 18.47 -7.05 -7.98
CA ARG A 69 18.48 -7.04 -8.00
C ARG A 69 17.09 -7.08 -8.63
N PHE A 70 16.25 -6.11 -8.26
CA PHE A 70 14.88 -6.01 -8.80
C PHE A 70 14.78 -4.99 -9.94
N GLY A 71 15.90 -4.37 -10.29
CA GLY A 71 15.94 -3.36 -11.32
C GLY A 71 15.40 -2.04 -10.82
N LEU A 72 15.60 -1.80 -9.53
CA LEU A 72 15.01 -0.66 -8.85
C LEU A 72 16.03 0.12 -8.03
N SER A 73 15.65 1.33 -7.62
CA SER A 73 16.42 2.11 -6.67
C SER A 73 15.55 2.33 -5.42
N ILE A 74 15.93 1.72 -4.30
CA ILE A 74 15.12 1.80 -3.08
C ILE A 74 15.74 2.74 -2.05
N ARG A 75 14.93 3.66 -1.53
CA ARG A 75 15.34 4.47 -0.39
C ARG A 75 14.43 4.15 0.79
N TYR A 76 14.97 4.27 2.00
CA TYR A 76 14.22 3.88 3.19
C TYR A 76 13.82 5.07 4.05
N SER A 77 12.68 4.93 4.74
CA SER A 77 12.22 5.95 5.68
C SER A 77 12.01 5.30 7.03
N PRO A 78 13.06 5.27 7.86
CA PRO A 78 12.99 4.66 9.19
C PRO A 78 12.07 5.45 10.11
N GLU A 79 11.30 4.77 10.93
CA GLU A 79 10.48 5.44 11.93
C GLU A 79 10.88 4.92 13.29
N GLY A 80 11.09 5.83 14.24
CA GLY A 80 11.55 5.43 15.56
C GLY A 80 10.41 5.49 16.56
N GLU A 81 9.32 6.08 16.12
CA GLU A 81 8.08 6.15 16.86
C GLU A 81 6.98 5.73 15.90
N PRO A 82 5.91 5.13 16.42
CA PRO A 82 4.75 4.76 15.61
C PRO A 82 4.15 6.01 14.96
N LEU A 83 4.10 6.06 13.64
CA LEU A 83 3.62 7.24 12.95
C LEU A 83 2.28 7.01 12.26
N GLU A 84 1.87 5.74 12.17
CA GLU A 84 0.64 5.37 11.48
C GLU A 84 0.85 5.52 9.99
N THR A 85 -0.19 5.29 9.20
CA THR A 85 -0.02 5.38 7.77
C THR A 85 0.19 6.82 7.30
N GLY A 86 -0.63 7.74 7.80
CA GLY A 86 -0.55 9.12 7.31
C GLY A 86 0.76 9.80 7.73
N GLY A 87 1.12 9.60 8.99
CA GLY A 87 2.33 10.18 9.53
C GLY A 87 3.56 9.60 8.86
N GLY A 88 3.49 8.32 8.53
CA GLY A 88 4.58 7.64 7.87
C GLY A 88 4.79 8.16 6.46
N ILE A 89 3.70 8.31 5.71
CA ILE A 89 3.80 8.89 4.38
C ILE A 89 4.37 10.31 4.46
N PHE A 90 3.82 11.11 5.36
CA PHE A 90 4.32 12.47 5.54
C PHE A 90 5.83 12.52 5.83
N LYS A 91 6.34 11.63 6.67
CA LYS A 91 7.76 11.64 7.00
C LYS A 91 8.61 11.33 5.77
N ALA A 92 8.07 10.52 4.88
CA ALA A 92 8.77 10.08 3.68
C ALA A 92 8.64 11.04 2.49
N LEU A 93 7.81 12.06 2.61
CA LEU A 93 7.56 12.95 1.46
C LEU A 93 8.84 13.59 0.89
N PRO A 94 9.79 14.02 1.76
CA PRO A 94 11.01 14.58 1.16
C PRO A 94 11.72 13.61 0.21
N LEU A 95 11.57 12.30 0.41
CA LEU A 95 12.16 11.30 -0.48
C LEU A 95 11.35 11.12 -1.76
N LEU A 96 10.07 11.44 -1.68
CA LEU A 96 9.15 11.27 -2.80
C LEU A 96 9.12 12.51 -3.71
N GLY A 97 9.31 13.68 -3.10
CA GLY A 97 9.26 14.92 -3.85
C GLY A 97 7.82 15.36 -4.03
N ASP A 98 7.59 16.25 -5.00
CA ASP A 98 6.31 16.94 -5.11
C ASP A 98 5.27 16.27 -6.01
N ALA A 99 5.67 15.25 -6.75
CA ALA A 99 4.77 14.66 -7.74
C ALA A 99 3.97 13.50 -7.18
N PRO A 100 2.80 13.24 -7.78
CA PRO A 100 1.96 12.10 -7.41
C PRO A 100 2.76 10.83 -7.41
N PHE A 101 2.51 9.98 -6.43
CA PHE A 101 3.20 8.71 -6.30
C PHE A 101 2.23 7.56 -6.08
N LEU A 102 2.68 6.37 -6.42
CA LEU A 102 1.92 5.16 -6.21
C LEU A 102 2.09 4.76 -4.73
N LEU A 103 1.01 4.47 -4.04
CA LEU A 103 1.11 4.03 -2.65
C LEU A 103 0.59 2.63 -2.49
N VAL A 104 1.41 1.74 -1.93
CA VAL A 104 1.02 0.33 -1.83
C VAL A 104 1.23 -0.16 -0.41
N ASN A 105 0.16 -0.71 0.15
CA ASN A 105 0.20 -1.37 1.44
C ASN A 105 0.98 -2.67 1.33
N GLY A 106 2.13 -2.74 1.97
CA GLY A 106 3.03 -3.88 1.86
C GLY A 106 2.38 -5.21 2.22
N ASP A 107 1.37 -5.16 3.10
CA ASP A 107 0.70 -6.37 3.60
C ASP A 107 -0.23 -7.00 2.57
N VAL A 108 -0.52 -6.27 1.49
CA VAL A 108 -1.46 -6.72 0.48
C VAL A 108 -0.80 -7.70 -0.48
N TRP A 109 -1.53 -8.75 -0.86
CA TRP A 109 -1.13 -9.55 -1.99
C TRP A 109 -2.23 -9.40 -3.02
N THR A 110 -1.87 -9.17 -4.28
CA THR A 110 -2.88 -8.86 -5.31
C THR A 110 -2.34 -9.05 -6.71
N ASP A 111 -3.26 -9.39 -7.59
CA ASP A 111 -3.11 -9.48 -9.02
C ASP A 111 -3.04 -8.15 -9.71
N TYR A 112 -3.46 -7.12 -9.02
CA TYR A 112 -3.71 -5.81 -9.64
C TYR A 112 -2.49 -5.36 -10.48
N ASP A 113 -2.75 -4.90 -11.69
CA ASP A 113 -1.70 -4.45 -12.60
C ASP A 113 -1.37 -2.97 -12.33
N PHE A 114 -0.28 -2.73 -11.62
CA PHE A 114 0.14 -1.36 -11.26
C PHE A 114 0.30 -0.42 -12.47
N ALA A 115 0.60 -0.98 -13.65
CA ALA A 115 0.78 -0.16 -14.85
C ALA A 115 -0.51 0.55 -15.25
N ARG A 116 -1.64 0.10 -14.71
CA ARG A 116 -2.95 0.72 -14.96
CA ARG A 116 -2.90 0.73 -15.04
C ARG A 116 -3.02 2.15 -14.43
N LEU A 117 -2.26 2.41 -13.37
CA LEU A 117 -2.33 3.69 -12.68
C LEU A 117 -1.47 4.77 -13.35
N GLN A 118 -0.76 4.40 -14.41
CA GLN A 118 -0.02 5.39 -15.20
C GLN A 118 -0.93 6.11 -16.20
N ALA A 119 -2.16 5.61 -16.39
CA ALA A 119 -3.12 6.30 -17.22
C ALA A 119 -3.56 7.57 -16.52
N PRO A 120 -4.17 8.49 -17.27
CA PRO A 120 -4.62 9.79 -16.77
C PRO A 120 -5.60 9.65 -15.58
N LEU A 121 -5.33 10.35 -14.48
CA LEU A 121 -6.07 10.13 -13.24
C LEU A 121 -6.64 11.37 -12.57
N GLN A 122 -7.55 11.10 -11.65
CA GLN A 122 -8.43 12.09 -11.11
C GLN A 122 -8.16 12.50 -9.65
N GLY A 123 -7.91 13.79 -9.40
CA GLY A 123 -7.94 14.34 -8.04
C GLY A 123 -6.69 14.56 -7.19
N LEU A 124 -6.88 14.58 -5.88
CA LEU A 124 -5.76 14.58 -4.94
C LEU A 124 -5.37 13.15 -4.66
N ALA A 125 -6.23 12.24 -5.08
CA ALA A 125 -6.03 10.82 -4.80
C ALA A 125 -6.90 10.00 -5.75
N HIS A 126 -6.40 8.82 -6.11
CA HIS A 126 -7.16 7.84 -6.89
C HIS A 126 -7.04 6.51 -6.17
N LEU A 127 -8.17 5.96 -5.73
CA LEU A 127 -8.15 4.80 -4.86
C LEU A 127 -8.63 3.56 -5.60
N VAL A 128 -7.93 2.45 -5.42
CA VAL A 128 -8.39 1.17 -5.96
C VAL A 128 -9.24 0.51 -4.88
N LEU A 129 -10.50 0.26 -5.20
CA LEU A 129 -11.41 -0.35 -4.25
C LEU A 129 -11.71 -1.80 -4.63
N VAL A 130 -12.01 -2.61 -3.62
CA VAL A 130 -12.30 -4.02 -3.83
C VAL A 130 -13.56 -4.42 -3.07
N ASP A 131 -14.11 -5.57 -3.44
CA ASP A 131 -15.26 -6.12 -2.72
C ASP A 131 -14.95 -6.23 -1.23
N ASN A 132 -15.95 -6.02 -0.38
CA ASN A 132 -15.75 -6.15 1.05
C ASN A 132 -15.39 -7.59 1.41
N PRO A 133 -14.28 -7.79 2.12
CA PRO A 133 -13.84 -9.11 2.57
C PRO A 133 -14.68 -9.67 3.72
N GLY A 137 -19.10 -7.47 6.14
CA GLY A 137 -18.32 -6.28 6.36
C GLY A 137 -19.00 -5.02 5.86
N ARG A 138 -18.88 -3.93 6.60
CA ARG A 138 -19.55 -2.69 6.25
C ARG A 138 -18.78 -1.84 5.25
N GLY A 139 -17.62 -2.34 4.80
CA GLY A 139 -16.82 -1.63 3.82
C GLY A 139 -16.28 -0.30 4.32
N ASP A 140 -15.67 0.47 3.42
CA ASP A 140 -15.05 1.75 3.76
C ASP A 140 -15.67 2.94 3.03
N PHE A 141 -15.85 2.77 1.72
CA PHE A 141 -16.18 3.87 0.82
C PHE A 141 -17.26 3.48 -0.19
N ARG A 142 -17.81 4.46 -0.88
CA ARG A 142 -18.75 4.20 -1.97
C ARG A 142 -18.22 4.79 -3.27
N LEU A 143 -18.47 4.10 -4.37
CA LEU A 143 -18.01 4.57 -5.67
C LEU A 143 -19.20 4.90 -6.57
N VAL A 144 -19.26 6.15 -7.02
CA VAL A 144 -20.30 6.54 -7.96
C VAL A 144 -19.66 7.01 -9.27
N GLY A 145 -19.73 6.17 -10.30
CA GLY A 145 -19.02 6.48 -11.52
C GLY A 145 -17.54 6.38 -11.20
N GLU A 146 -16.82 7.49 -11.30
CA GLU A 146 -15.38 7.47 -10.98
C GLU A 146 -15.08 8.23 -9.70
N GLN A 147 -16.14 8.73 -9.06
CA GLN A 147 -15.98 9.55 -7.86
C GLN A 147 -16.18 8.70 -6.61
N VAL A 148 -15.22 8.81 -5.68
CA VAL A 148 -15.34 8.13 -4.41
C VAL A 148 -15.98 9.04 -3.34
N VAL A 149 -16.94 8.50 -2.61
CA VAL A 149 -17.53 9.20 -1.46
C VAL A 149 -17.46 8.31 -0.20
N ASP A 150 -17.75 8.89 0.96
CA ASP A 150 -17.67 8.15 2.21
C ASP A 150 -18.74 7.05 2.28
N GLY A 151 -18.38 5.92 2.86
CA GLY A 151 -19.30 4.80 2.98
C GLY A 151 -20.37 4.99 4.05
N ASP A 152 -21.44 4.21 3.95
CA ASP A 152 -22.53 4.30 4.92
C ASP A 152 -23.40 3.05 4.88
N ASP A 153 -24.10 2.86 3.76
CA ASP A 153 -24.98 1.71 3.59
C ASP A 153 -24.44 0.75 2.53
N GLY A 156 -24.12 -0.84 -0.70
CA GLY A 156 -23.14 -1.20 -1.70
C GLY A 156 -21.79 -0.53 -1.49
N THR A 157 -21.26 -0.63 -0.28
CA THR A 157 -19.97 -0.02 0.02
C THR A 157 -18.84 -0.90 -0.49
N LEU A 158 -17.66 -0.32 -0.68
CA LEU A 158 -16.48 -1.06 -1.08
C LEU A 158 -15.34 -0.85 -0.08
N THR A 159 -14.33 -1.70 -0.17
CA THR A 159 -13.21 -1.67 0.76
C THR A 159 -12.01 -1.06 0.06
N PHE A 160 -11.25 -0.25 0.79
CA PHE A 160 -10.02 0.33 0.23
C PHE A 160 -8.96 -0.77 0.15
N SER A 161 -8.42 -0.97 -1.04
CA SER A 161 -7.45 -2.05 -1.27
C SER A 161 -6.07 -1.78 -0.69
N GLY A 162 -5.78 -0.53 -0.34
CA GLY A 162 -4.43 -0.21 0.09
C GLY A 162 -3.54 0.05 -1.10
N ILE A 163 -4.17 0.20 -2.27
CA ILE A 163 -3.50 0.56 -3.51
CA ILE A 163 -3.49 0.57 -3.51
C ILE A 163 -4.05 1.88 -4.02
N SER A 164 -3.18 2.87 -4.24
CA SER A 164 -3.68 4.18 -4.65
C SER A 164 -2.59 5.01 -5.31
N VAL A 165 -3.00 6.15 -5.88
CA VAL A 165 -2.07 7.18 -6.27
C VAL A 165 -2.39 8.39 -5.44
N LEU A 166 -1.39 8.94 -4.75
CA LEU A 166 -1.60 10.12 -3.93
C LEU A 166 -0.79 11.33 -4.43
N HIS A 167 -1.40 12.49 -4.31
CA HIS A 167 -0.68 13.73 -4.56
C HIS A 167 -0.13 14.27 -3.23
N PRO A 168 1.19 14.59 -3.19
CA PRO A 168 1.75 15.15 -1.96
C PRO A 168 0.97 16.33 -1.41
N ALA A 169 0.26 17.04 -2.27
CA ALA A 169 -0.51 18.20 -1.83
C ALA A 169 -1.62 17.79 -0.86
N LEU A 170 -2.01 16.52 -0.92
CA LEU A 170 -2.95 15.95 0.03
C LEU A 170 -2.53 16.22 1.48
N PHE A 171 -1.21 16.33 1.70
CA PHE A 171 -0.61 16.47 3.03
C PHE A 171 -0.23 17.91 3.37
N GLU A 172 -0.62 18.85 2.51
CA GLU A 172 -0.31 20.25 2.75
C GLU A 172 -0.96 20.70 4.06
N GLY A 173 -0.16 21.28 4.94
CA GLY A 173 -0.67 21.72 6.23
C GLY A 173 -0.45 20.74 7.36
N CYS A 174 -0.18 19.49 7.03
CA CYS A 174 0.04 18.46 8.05
C CYS A 174 1.26 18.77 8.90
N GLN A 175 1.25 18.28 10.13
CA GLN A 175 2.40 18.44 11.02
C GLN A 175 3.02 17.08 11.27
N ALA A 176 4.34 17.05 11.43
CA ALA A 176 5.05 15.81 11.73
C ALA A 176 4.45 15.15 12.97
N GLY A 177 4.44 13.82 13.00
CA GLY A 177 3.85 13.08 14.09
C GLY A 177 2.97 11.95 13.58
N ALA A 178 2.20 11.33 14.46
CA ALA A 178 1.40 10.16 14.09
C ALA A 178 -0.03 10.54 13.79
N PHE A 179 -0.53 10.06 12.66
CA PHE A 179 -1.94 10.25 12.30
C PHE A 179 -2.31 9.31 11.15
N LYS A 180 -3.59 8.96 11.08
CA LYS A 180 -4.06 7.97 10.13
C LYS A 180 -4.37 8.59 8.77
N LEU A 181 -4.27 7.78 7.72
CA LEU A 181 -4.49 8.26 6.36
C LEU A 181 -5.97 8.45 6.04
N ALA A 182 -6.81 7.52 6.49
CA ALA A 182 -8.23 7.50 6.11
C ALA A 182 -8.93 8.83 6.35
N PRO A 183 -8.78 9.41 7.56
CA PRO A 183 -9.40 10.70 7.84
C PRO A 183 -9.02 11.81 6.86
N LEU A 184 -7.82 11.71 6.29
CA LEU A 184 -7.38 12.70 5.30
CA LEU A 184 -7.36 12.68 5.29
C LEU A 184 -8.08 12.46 3.98
N LEU A 185 -8.17 11.19 3.57
CA LEU A 185 -8.87 10.85 2.34
C LEU A 185 -10.32 11.30 2.46
N ARG A 186 -10.93 11.10 3.62
CA ARG A 186 -12.33 11.43 3.78
C ARG A 186 -12.54 12.93 3.70
N GLN A 187 -11.50 13.68 4.05
CA GLN A 187 -11.57 15.13 3.94
C GLN A 187 -11.45 15.57 2.49
N ALA A 188 -10.64 14.86 1.70
CA ALA A 188 -10.55 15.13 0.26
C ALA A 188 -11.84 14.74 -0.46
N MET A 189 -12.40 13.58 -0.11
CA MET A 189 -13.69 13.15 -0.69
C MET A 189 -14.78 14.19 -0.52
N ALA A 190 -14.80 14.84 0.65
CA ALA A 190 -15.82 15.85 0.91
C ALA A 190 -15.63 17.05 0.00
N ALA A 191 -14.41 17.21 -0.49
CA ALA A 191 -14.10 18.33 -1.38
C ALA A 191 -14.23 17.91 -2.84
N GLY A 192 -14.55 16.65 -3.06
CA GLY A 192 -14.71 16.12 -4.41
C GLY A 192 -13.40 15.94 -5.14
N LYS A 193 -12.33 15.62 -4.42
CA LYS A 193 -11.01 15.54 -5.02
C LYS A 193 -10.46 14.10 -5.03
N VAL A 194 -11.35 13.11 -4.88
CA VAL A 194 -10.92 11.73 -4.80
C VAL A 194 -11.66 10.88 -5.82
N SER A 195 -10.92 10.29 -6.75
CA SER A 195 -11.52 9.40 -7.73
C SER A 195 -11.21 7.97 -7.34
N GLY A 196 -11.76 7.02 -8.08
CA GLY A 196 -11.50 5.63 -7.75
C GLY A 196 -11.97 4.68 -8.81
N GLU A 197 -11.71 3.41 -8.56
CA GLU A 197 -12.09 2.35 -9.47
C GLU A 197 -12.33 1.10 -8.67
N HIS A 198 -13.13 0.20 -9.21
CA HIS A 198 -13.47 -1.05 -8.53
C HIS A 198 -12.77 -2.22 -9.21
N TYR A 199 -11.75 -2.74 -8.52
CA TYR A 199 -11.00 -3.90 -9.01
C TYR A 199 -11.71 -5.17 -8.60
N ARG A 200 -11.92 -6.07 -9.57
CA ARG A 200 -12.67 -7.28 -9.31
CA ARG A 200 -12.67 -7.30 -9.31
C ARG A 200 -11.80 -8.53 -9.32
N GLY A 201 -10.48 -8.34 -9.37
CA GLY A 201 -9.60 -9.49 -9.40
C GLY A 201 -9.16 -9.93 -8.01
N HIS A 202 -8.05 -10.65 -7.93
CA HIS A 202 -7.62 -11.25 -6.66
C HIS A 202 -6.92 -10.25 -5.74
N TRP A 203 -7.31 -10.26 -4.47
CA TRP A 203 -6.78 -9.30 -3.50
C TRP A 203 -6.96 -9.86 -2.10
N VAL A 204 -5.88 -9.82 -1.33
CA VAL A 204 -5.92 -10.29 0.06
C VAL A 204 -5.08 -9.36 0.93
N ASP A 205 -5.65 -8.91 2.04
CA ASP A 205 -4.89 -8.15 3.04
C ASP A 205 -4.31 -9.17 4.01
N VAL A 206 -3.02 -9.43 3.90
CA VAL A 206 -2.43 -10.50 4.67
C VAL A 206 -2.05 -9.98 6.06
N GLY A 207 -3.02 -10.04 6.98
CA GLY A 207 -2.80 -9.58 8.35
C GLY A 207 -2.84 -10.71 9.38
N THR A 208 -3.18 -11.91 8.92
CA THR A 208 -3.29 -13.08 9.79
C THR A 208 -2.86 -14.34 9.07
N LEU A 209 -2.54 -15.39 9.83
CA LEU A 209 -2.13 -16.63 9.22
C LEU A 209 -3.22 -17.14 8.28
N GLU A 210 -4.48 -16.89 8.62
CA GLU A 210 -5.59 -17.33 7.76
C GLU A 210 -5.59 -16.57 6.42
N ARG A 211 -5.24 -15.29 6.45
CA ARG A 211 -5.14 -14.50 5.22
C ARG A 211 -3.96 -14.99 4.38
N LEU A 212 -2.87 -15.33 5.06
CA LEU A 212 -1.69 -15.88 4.39
CA LEU A 212 -1.69 -15.88 4.40
C LEU A 212 -2.08 -17.11 3.59
N ALA A 213 -2.83 -18.00 4.21
CA ALA A 213 -3.30 -19.22 3.56
C ALA A 213 -4.13 -18.93 2.31
N GLU A 214 -5.09 -18.00 2.43
CA GLU A 214 -5.95 -17.65 1.30
CA GLU A 214 -5.95 -17.65 1.30
C GLU A 214 -5.11 -17.19 0.12
N ALA A 215 -4.15 -16.31 0.40
CA ALA A 215 -3.24 -15.81 -0.63
C ALA A 215 -2.51 -16.98 -1.27
N GLU A 216 -1.98 -17.86 -0.43
CA GLU A 216 -1.35 -19.09 -0.88
C GLU A 216 -2.25 -19.84 -1.83
N SER A 217 -3.50 -20.07 -1.42
CA SER A 217 -4.47 -20.78 -2.24
CA SER A 217 -4.47 -20.79 -2.24
C SER A 217 -4.70 -20.08 -3.56
N LEU A 218 -4.94 -18.77 -3.50
CA LEU A 218 -5.24 -18.00 -4.71
C LEU A 218 -4.04 -17.94 -5.66
N ILE A 219 -2.83 -17.95 -5.12
CA ILE A 219 -1.64 -17.95 -5.94
C ILE A 219 -1.54 -19.28 -6.68
N GLY A 220 -2.26 -20.29 -6.17
CA GLY A 220 -2.36 -21.58 -6.84
C GLY A 220 -3.33 -21.58 -8.00
N GLU A 221 -3.22 -20.57 -8.87
CA GLU A 221 -4.01 -20.52 -10.09
C GLU A 221 -3.38 -19.56 -11.10
C1 GOL B . -2.18 12.18 -14.74
C1 GOL B . -2.16 11.79 -11.89
O1 GOL B . -1.13 12.11 -15.67
O1 GOL B . -3.07 12.69 -12.47
C2 GOL B . -1.67 11.69 -13.38
C2 GOL B . -1.58 10.90 -12.98
O2 GOL B . -2.52 12.20 -12.38
O2 GOL B . -1.44 11.65 -14.16
C3 GOL B . -1.62 10.16 -13.30
C3 GOL B . -0.23 10.34 -12.54
O3 GOL B . -0.31 9.74 -13.04
O3 GOL B . -0.04 9.08 -13.12
H11 GOL B . -2.54 13.20 -14.66
H11 GOL B . -2.67 11.17 -11.15
H12 GOL B . -3.00 11.54 -15.07
H12 GOL B . -1.35 12.33 -11.39
HO1 GOL B . -1.47 12.36 -16.56
HO1 GOL B . -3.49 13.22 -11.78
H2 GOL B . -0.66 12.07 -13.23
H2 GOL B . -2.26 10.07 -13.16
HO2 GOL B . -3.42 11.83 -12.51
HO2 GOL B . -0.83 12.40 -13.99
H31 GOL B . -2.29 9.82 -12.51
H31 GOL B . 0.57 11.02 -12.86
H32 GOL B . -1.97 9.74 -14.25
H32 GOL B . -0.20 10.27 -11.46
HO3 GOL B . -0.19 8.82 -13.40
HO3 GOL B . 0.79 9.07 -13.64
S SO4 C . -3.72 3.89 9.39
O1 SO4 C . -3.55 5.15 8.69
O2 SO4 C . -5.03 3.85 10.01
O3 SO4 C . -2.69 3.75 10.43
O4 SO4 C . -3.60 2.78 8.45
C01 491 D . -9.98 3.14 4.78
C02 491 D . -9.34 1.95 5.47
C03 491 D . -8.54 2.46 6.60
O04 491 D . -7.32 2.72 6.49
O05 491 D . -9.12 2.66 7.70
O3 491 D . -8.55 1.24 4.50
C3 491 D . -7.98 -0.04 4.96
C2 491 D . -6.64 -0.16 4.40
C1 491 D . -5.97 -1.41 4.90
O5 491 D . -6.76 -2.57 4.40
C5 491 D . -8.13 -2.53 4.88
C4 491 D . -8.82 -1.22 4.53
O4 491 D . -10.07 -1.19 5.20
C6 491 D . -8.85 -3.71 4.30
O6 491 D . -8.27 -4.89 4.81
O1 491 D . -5.92 -1.39 6.26
P17 491 D . -5.04 -2.41 7.05
O18 491 D . -5.79 -3.71 7.21
O19 491 D . -3.73 -2.66 6.35
O20 491 D . -4.79 -1.82 8.40
N2 491 D . -5.89 1.05 4.80
C7 491 D . -4.65 1.41 4.18
O7 491 D . -4.17 0.70 3.31
C8 491 D . -3.91 2.70 4.66
H1A 491 D . -10.38 2.85 3.96
H2A 491 D . -10.67 3.52 5.38
H3A 491 D . -9.29 3.82 4.60
H4A 491 D . -10.05 1.36 5.81
H3 491 D . -7.93 -0.04 5.93
H2 491 D . -6.69 -0.18 3.42
H1 491 D . -5.05 -1.46 4.54
H5 491 D . -8.12 -2.62 5.85
H4 491 D . -8.97 -1.17 3.55
HO4 491 D . -10.64 -1.69 4.76
H61 491 D . -9.81 -3.66 4.56
H62 491 D . -8.78 -3.69 3.33
HO6 491 D . -8.88 -5.37 5.25
HN2 491 D . -6.24 1.58 5.46
H81 491 D . -2.97 2.68 4.33
H82 491 D . -3.92 2.73 5.64
H83 491 D . -4.37 3.49 4.29
P1 2PN E . -1.36 -6.09 13.32
O1 2PN E . -1.29 -7.57 13.61
O2 2PN E . -1.67 -5.88 11.82
O3 2PN E . -2.48 -5.47 14.20
N1 2PN E . 0.09 -5.37 13.67
P2 2PN E . 0.30 -3.98 12.79
O4 2PN E . 0.83 -4.33 11.43
O5 2PN E . 1.31 -3.04 13.51
O6 2PN E . -1.06 -3.24 12.64
HO2 2PN E . -1.50 -6.62 11.36
HO3 2PN E . -2.89 -6.11 14.66
HN1 2PN E . 0.15 -5.19 14.57
HO5 2PN E . 1.00 -2.21 13.50
HO6 2PN E . -0.98 -2.41 12.91
#